data_6PK9
#
_entry.id   6PK9
#
_entity_poly.entity_id   1
_entity_poly.type   'polyribonucleotide'
_entity_poly.pdbx_seq_one_letter_code
;GGAGGGUAGACUCGCUCUCC
;
_entity_poly.pdbx_strand_id   A
#
loop_
_chem_comp.id
_chem_comp.type
_chem_comp.name
_chem_comp.formula
A RNA linking ADENOSINE-5'-MONOPHOSPHATE 'C10 H14 N5 O7 P'
C RNA linking CYTIDINE-5'-MONOPHOSPHATE 'C9 H14 N3 O8 P'
G RNA linking GUANOSINE-5'-MONOPHOSPHATE 'C10 H14 N5 O8 P'
U RNA linking URIDINE-5'-MONOPHOSPHATE 'C9 H13 N2 O9 P'
#